data_6BMB
#
_entry.id   6BMB
#
_cell.length_a   96.620
_cell.length_b   96.620
_cell.length_c   115.710
_cell.angle_alpha   90.000
_cell.angle_beta   90.000
_cell.angle_gamma   120.000
#
_symmetry.space_group_name_H-M   'P 32 2 1'
#
loop_
_entity.id
_entity.type
_entity.pdbx_description
1 polymer 'Bifunctional 3-dehydroquinate dehydratase/shikimate dehydrogenase, chloroplastic'
2 non-polymer 'SULFATE ION'
3 non-polymer 'L(+)-TARTARIC ACID'
4 non-polymer '(3R,4S,5R)-3,4,5-TRIHYDROXYCYCLOHEX-1-ENE-1-CARBOXYLIC ACID'
5 water water
#
_entity_poly.entity_id   1
_entity_poly.type   'polypeptide(L)'
_entity_poly.pdbx_seq_one_letter_code
;VKNPSLICAPVMADSIDKMVIETSKAHELGADLVEIRLDWLKDFNPLEDLKTIIKKSPLPTLFTYRPKWEGGQYEGDENE
RRDVLRLAMELGADYIDVELQVASEFIKSIDGKKPGKFKVIVSSHNYQNTPSVEDLDGLVARIQQTGADIVKIATTAVDI
ADVARMFHITSKAQVPTIGLVMGERGLMSRILCSKFGGYLTFGTLDSSKVSAPGQPTIKDLLDLYNFRRIGPDTKVYGII
GKPVSHSKSPIVHNQAFKSVDFNGVYVHLLVDNLVSFLQAYSSSDFAGFSCGIPHKEAALQCCDEVDPLAKSIGAVNTIL
RRKSDGKLLGYNTDCIGSISAIEDGLRSSGDPSSVPSSSSPLASKTVVVIGAGGAGKALAYGAKEKGAKVVIANRTYERA
LELAEAIGGKALSLTDLDNYHPEDGMVLANTTSMGMQPNVEETPISKDALKHYALVFDAVYTPRITRLLREAEESGAITV
SGSEMFVRQAYEQFEIFTGLPAPKELYWQIMSKYGSRENLYFQ
;
_entity_poly.pdbx_strand_id   A
#
loop_
_chem_comp.id
_chem_comp.type
_chem_comp.name
_chem_comp.formula
SKM non-polymer '(3R,4S,5R)-3,4,5-TRIHYDROXYCYCLOHEX-1-ENE-1-CARBOXYLIC ACID' 'C7 H10 O5'
SO4 non-polymer 'SULFATE ION' 'O4 S -2'
TLA non-polymer 'L(+)-TARTARIC ACID' 'C4 H6 O6'
#
# COMPACT_ATOMS: atom_id res chain seq x y z
N VAL A 1 0.58 -11.53 -19.55
CA VAL A 1 1.36 -12.63 -20.10
C VAL A 1 1.40 -13.84 -19.13
N LYS A 2 0.86 -14.97 -19.61
CA LYS A 2 0.92 -16.28 -18.96
C LYS A 2 0.65 -16.30 -17.45
N ASN A 3 1.42 -17.12 -16.71
CA ASN A 3 0.99 -17.61 -15.41
C ASN A 3 0.80 -16.50 -14.38
N PRO A 4 -0.02 -16.76 -13.36
CA PRO A 4 -0.03 -15.91 -12.18
C PRO A 4 1.39 -15.67 -11.70
N SER A 5 1.58 -14.55 -11.01
CA SER A 5 2.89 -14.18 -10.51
C SER A 5 3.35 -15.08 -9.37
N LEU A 6 4.59 -15.52 -9.45
CA LEU A 6 5.26 -16.18 -8.34
C LEU A 6 5.60 -15.16 -7.25
N ILE A 7 5.73 -15.64 -6.01
CA ILE A 7 6.23 -14.85 -4.90
C ILE A 7 7.62 -15.37 -4.54
N CYS A 8 8.62 -14.51 -4.72
CA CYS A 8 10.01 -14.82 -4.43
C CYS A 8 10.46 -14.11 -3.16
N ALA A 9 11.12 -14.84 -2.26
CA ALA A 9 11.60 -14.26 -1.02
C ALA A 9 13.08 -13.97 -1.10
N PRO A 10 13.52 -12.73 -0.85
CA PRO A 10 14.95 -12.44 -0.87
C PRO A 10 15.62 -13.04 0.37
N VAL A 11 16.77 -13.64 0.15
CA VAL A 11 17.51 -14.31 1.21
C VAL A 11 18.86 -13.62 1.33
N MET A 12 19.08 -12.98 2.46
CA MET A 12 20.18 -12.05 2.63
C MET A 12 21.00 -12.31 3.88
N ALA A 13 20.69 -13.35 4.64
CA ALA A 13 21.49 -13.69 5.82
C ALA A 13 22.97 -13.73 5.45
N ASP A 14 23.81 -13.28 6.36
CA ASP A 14 25.21 -13.10 6.04
C ASP A 14 26.03 -14.36 6.24
N SER A 15 25.39 -15.47 6.56
CA SER A 15 26.07 -16.75 6.74
C SER A 15 25.27 -17.84 6.06
N ILE A 16 25.99 -18.89 5.66
CA ILE A 16 25.37 -19.96 4.88
C ILE A 16 24.29 -20.67 5.70
N ASP A 17 24.59 -20.98 6.97
CA ASP A 17 23.61 -21.71 7.77
C ASP A 17 22.37 -20.88 8.05
N LYS A 18 22.51 -19.56 8.16
CA LYS A 18 21.33 -18.73 8.38
C LYS A 18 20.49 -18.65 7.12
N MET A 19 21.13 -18.58 5.95
CA MET A 19 20.37 -18.63 4.70
C MET A 19 19.55 -19.90 4.61
N VAL A 20 20.13 -21.04 5.00
CA VAL A 20 19.38 -22.30 4.96
C VAL A 20 18.09 -22.16 5.76
N ILE A 21 18.19 -21.62 6.97
CA ILE A 21 16.99 -21.46 7.78
C ILE A 21 16.03 -20.45 7.15
N GLU A 22 16.55 -19.43 6.47
CA GLU A 22 15.66 -18.47 5.83
C GLU A 22 14.89 -19.11 4.68
N THR A 23 15.54 -20.00 3.91
CA THR A 23 14.80 -20.67 2.84
C THR A 23 13.68 -21.53 3.42
N SER A 24 13.94 -22.17 4.56
CA SER A 24 12.88 -22.92 5.24
C SER A 24 11.73 -22.02 5.67
N LYS A 25 12.05 -20.88 6.28
CA LYS A 25 10.98 -19.97 6.67
C LYS A 25 10.21 -19.48 5.45
N ALA A 26 10.92 -19.22 4.34
CA ALA A 26 10.25 -18.85 3.10
C ALA A 26 9.22 -19.90 2.71
N HIS A 27 9.59 -21.18 2.82
CA HIS A 27 8.66 -22.25 2.49
C HIS A 27 7.47 -22.24 3.44
N GLU A 28 7.73 -22.13 4.75
CA GLU A 28 6.64 -22.09 5.74
C GLU A 28 5.66 -20.98 5.45
N LEU A 29 6.16 -19.79 5.05
CA LEU A 29 5.29 -18.63 4.84
C LEU A 29 4.52 -18.69 3.53
N GLY A 30 4.88 -19.59 2.61
CA GLY A 30 4.16 -19.68 1.36
C GLY A 30 4.89 -19.16 0.15
N ALA A 31 6.12 -18.68 0.27
CA ALA A 31 6.84 -18.21 -0.91
C ALA A 31 7.00 -19.32 -1.94
N ASP A 32 7.03 -18.94 -3.21
CA ASP A 32 7.16 -19.91 -4.29
C ASP A 32 8.60 -20.25 -4.62
N LEU A 33 9.52 -19.32 -4.37
CA LEU A 33 10.94 -19.52 -4.62
C LEU A 33 11.71 -18.55 -3.73
N VAL A 34 13.03 -18.67 -3.76
CA VAL A 34 13.92 -17.80 -2.97
C VAL A 34 14.95 -17.19 -3.90
N GLU A 35 15.31 -15.94 -3.64
CA GLU A 35 16.45 -15.32 -4.30
C GLU A 35 17.61 -15.35 -3.33
N ILE A 36 18.64 -16.12 -3.66
CA ILE A 36 19.80 -16.24 -2.79
C ILE A 36 20.73 -15.06 -3.11
N ARG A 37 20.82 -14.09 -2.21
CA ARG A 37 21.65 -12.91 -2.48
C ARG A 37 23.08 -13.22 -2.05
N LEU A 38 23.84 -13.79 -2.98
CA LEU A 38 25.17 -14.27 -2.66
C LEU A 38 26.09 -13.14 -2.24
N ASP A 39 25.84 -11.93 -2.71
CA ASP A 39 26.73 -10.82 -2.38
C ASP A 39 26.61 -10.41 -0.91
N TRP A 40 25.64 -10.94 -0.17
CA TRP A 40 25.44 -10.62 1.23
C TRP A 40 26.10 -11.61 2.17
N LEU A 41 26.71 -12.67 1.67
CA LEU A 41 27.40 -13.65 2.52
C LEU A 41 28.75 -13.12 2.98
N LYS A 42 29.04 -13.25 4.29
CA LYS A 42 30.26 -12.63 4.81
C LYS A 42 31.49 -13.45 4.46
N ASP A 43 31.42 -14.77 4.60
CA ASP A 43 32.52 -15.65 4.19
C ASP A 43 31.92 -16.69 3.25
N PHE A 44 32.28 -16.62 1.99
CA PHE A 44 31.65 -17.40 0.93
C PHE A 44 32.67 -18.42 0.41
N ASN A 45 32.29 -19.69 0.42
CA ASN A 45 33.09 -20.75 -0.21
C ASN A 45 32.22 -21.33 -1.32
N PRO A 46 32.32 -20.77 -2.56
CA PRO A 46 31.28 -21.00 -3.57
C PRO A 46 30.92 -22.46 -3.77
N LEU A 47 31.89 -23.27 -4.19
CA LEU A 47 31.68 -24.70 -4.32
C LEU A 47 31.80 -25.29 -2.92
N GLU A 48 30.67 -25.63 -2.33
CA GLU A 48 30.49 -26.02 -0.94
C GLU A 48 29.23 -25.34 -0.45
N ASP A 49 29.28 -24.01 -0.40
CA ASP A 49 28.12 -23.24 0.05
C ASP A 49 26.98 -23.33 -0.97
N LEU A 50 27.30 -23.19 -2.26
CA LEU A 50 26.29 -23.36 -3.29
C LEU A 50 25.68 -24.76 -3.24
N LYS A 51 26.53 -25.78 -3.14
CA LYS A 51 26.03 -27.14 -3.00
C LYS A 51 25.11 -27.26 -1.79
N THR A 52 25.51 -26.67 -0.66
CA THR A 52 24.70 -26.76 0.55
C THR A 52 23.30 -26.18 0.33
N ILE A 53 23.21 -24.97 -0.26
CA ILE A 53 21.92 -24.30 -0.38
C ILE A 53 21.01 -25.06 -1.33
N ILE A 54 21.54 -25.53 -2.45
CA ILE A 54 20.70 -26.22 -3.43
C ILE A 54 20.21 -27.55 -2.86
N LYS A 55 21.07 -28.25 -2.12
CA LYS A 55 20.67 -29.49 -1.48
C LYS A 55 19.61 -29.27 -0.42
N LYS A 56 19.74 -28.21 0.39
CA LYS A 56 18.87 -28.06 1.57
C LYS A 56 17.64 -27.18 1.35
N SER A 57 17.65 -26.30 0.35
CA SER A 57 16.49 -25.44 0.13
C SER A 57 15.26 -26.28 -0.22
N PRO A 58 14.14 -26.09 0.48
CA PRO A 58 12.88 -26.72 0.07
C PRO A 58 12.21 -26.04 -1.11
N LEU A 59 12.75 -24.91 -1.59
CA LEU A 59 12.11 -24.18 -2.66
C LEU A 59 13.07 -24.07 -3.85
N PRO A 60 12.54 -23.91 -5.07
CA PRO A 60 13.40 -23.58 -6.22
C PRO A 60 14.27 -22.36 -5.91
N THR A 61 15.48 -22.35 -6.45
CA THR A 61 16.49 -21.38 -6.09
C THR A 61 16.83 -20.46 -7.25
N LEU A 62 16.94 -19.17 -6.94
CA LEU A 62 17.38 -18.16 -7.87
C LEU A 62 18.62 -17.52 -7.28
N PHE A 63 19.76 -17.66 -7.95
CA PHE A 63 20.99 -17.12 -7.40
C PHE A 63 21.31 -15.77 -8.02
N THR A 64 21.67 -14.84 -7.15
CA THR A 64 22.05 -13.49 -7.52
C THR A 64 23.36 -13.17 -6.83
N TYR A 65 24.31 -12.63 -7.57
CA TYR A 65 25.62 -12.27 -7.02
C TYR A 65 25.84 -10.80 -7.36
N ARG A 66 25.08 -9.92 -6.71
CA ARG A 66 24.93 -8.54 -7.18
C ARG A 66 26.19 -7.70 -6.97
N PRO A 67 26.77 -7.13 -8.01
CA PRO A 67 27.93 -6.25 -7.85
C PRO A 67 27.56 -4.86 -7.36
N LYS A 68 28.57 -4.18 -6.80
CA LYS A 68 28.36 -2.82 -6.32
C LYS A 68 27.90 -1.88 -7.45
N TRP A 69 28.37 -2.09 -8.69
CA TRP A 69 27.94 -1.20 -9.76
C TRP A 69 26.49 -1.42 -10.19
N GLU A 70 25.78 -2.41 -9.63
CA GLU A 70 24.37 -2.60 -9.89
C GLU A 70 23.55 -2.54 -8.59
N GLY A 71 24.10 -1.90 -7.55
CA GLY A 71 23.37 -1.79 -6.31
C GLY A 71 23.63 -2.85 -5.26
N GLY A 72 24.55 -3.77 -5.51
CA GLY A 72 24.79 -4.88 -4.62
C GLY A 72 25.94 -4.65 -3.68
N GLN A 73 26.42 -5.74 -3.08
CA GLN A 73 27.53 -5.68 -2.14
C GLN A 73 28.84 -6.22 -2.70
N TYR A 74 28.82 -7.03 -3.76
CA TYR A 74 30.03 -7.71 -4.20
C TYR A 74 31.02 -6.71 -4.78
N GLU A 75 32.28 -6.85 -4.35
CA GLU A 75 33.42 -6.13 -4.90
C GLU A 75 34.50 -7.13 -5.29
N GLY A 76 35.23 -6.80 -6.35
CA GLY A 76 36.32 -7.69 -6.71
C GLY A 76 36.25 -8.09 -8.15
N ASP A 77 36.88 -9.21 -8.46
CA ASP A 77 37.09 -9.63 -9.83
C ASP A 77 35.79 -10.10 -10.46
N GLU A 78 35.58 -9.67 -11.70
CA GLU A 78 34.32 -9.90 -12.40
C GLU A 78 34.22 -11.33 -12.94
N ASN A 79 35.31 -11.88 -13.47
CA ASN A 79 35.28 -13.26 -13.94
C ASN A 79 34.99 -14.24 -12.79
N GLU A 80 35.55 -13.98 -11.59
CA GLU A 80 35.23 -14.85 -10.47
C GLU A 80 33.75 -14.78 -10.13
N ARG A 81 33.20 -13.57 -10.12
CA ARG A 81 31.77 -13.41 -9.89
C ARG A 81 30.95 -14.24 -10.88
N ARG A 82 31.27 -14.14 -12.17
CA ARG A 82 30.55 -14.94 -13.15
C ARG A 82 30.79 -16.43 -12.96
N ASP A 83 32.03 -16.83 -12.64
CA ASP A 83 32.31 -18.25 -12.37
C ASP A 83 31.34 -18.81 -11.36
N VAL A 84 30.97 -18.01 -10.34
CA VAL A 84 30.06 -18.48 -9.30
C VAL A 84 28.67 -18.73 -9.87
N LEU A 85 28.15 -17.79 -10.68
CA LEU A 85 26.83 -17.97 -11.26
C LEU A 85 26.78 -19.18 -12.20
N ARG A 86 27.81 -19.34 -13.05
CA ARG A 86 27.88 -20.55 -13.88
C ARG A 86 27.95 -21.80 -12.99
N LEU A 87 28.69 -21.71 -11.89
CA LEU A 87 28.76 -22.83 -10.96
C LEU A 87 27.38 -23.14 -10.38
N ALA A 88 26.66 -22.10 -9.93
CA ALA A 88 25.28 -22.29 -9.48
C ALA A 88 24.43 -22.98 -10.55
N MET A 89 24.57 -22.57 -11.82
CA MET A 89 23.84 -23.23 -12.89
C MET A 89 24.19 -24.71 -12.97
N GLU A 90 25.47 -25.04 -13.07
CA GLU A 90 25.82 -26.43 -13.26
C GLU A 90 25.65 -27.26 -11.98
N LEU A 91 25.44 -26.62 -10.83
CA LEU A 91 25.14 -27.37 -9.62
C LEU A 91 23.66 -27.62 -9.43
N GLY A 92 22.80 -27.00 -10.23
CA GLY A 92 21.36 -27.27 -10.21
C GLY A 92 20.46 -26.10 -9.85
N ALA A 93 20.96 -24.86 -9.93
CA ALA A 93 20.11 -23.69 -9.74
C ALA A 93 18.88 -23.76 -10.65
N ASP A 94 17.75 -23.29 -10.14
CA ASP A 94 16.57 -23.11 -10.99
C ASP A 94 16.67 -21.85 -11.84
N TYR A 95 17.30 -20.80 -11.29
CA TYR A 95 17.55 -19.61 -12.08
C TYR A 95 18.83 -18.97 -11.61
N ILE A 96 19.40 -18.13 -12.47
CA ILE A 96 20.33 -17.11 -12.04
C ILE A 96 19.87 -15.78 -12.61
N ASP A 97 20.27 -14.73 -11.92
CA ASP A 97 20.06 -13.35 -12.34
C ASP A 97 21.41 -12.81 -12.75
N VAL A 98 21.51 -12.33 -13.98
CA VAL A 98 22.74 -11.74 -14.50
C VAL A 98 22.42 -10.35 -15.04
N GLU A 99 23.28 -9.39 -14.72
CA GLU A 99 23.06 -7.99 -15.04
C GLU A 99 23.10 -7.78 -16.54
N LEU A 100 22.12 -7.04 -17.06
CA LEU A 100 22.08 -6.64 -18.47
C LEU A 100 23.44 -6.22 -19.00
N GLN A 101 24.21 -5.49 -18.17
CA GLN A 101 25.49 -4.93 -18.61
C GLN A 101 26.45 -6.00 -19.13
N VAL A 102 26.48 -7.16 -18.48
CA VAL A 102 27.39 -8.24 -18.86
C VAL A 102 26.63 -9.43 -19.45
N ALA A 103 25.34 -9.27 -19.73
CA ALA A 103 24.49 -10.42 -20.04
C ALA A 103 24.86 -11.08 -21.36
N SER A 104 25.22 -10.29 -22.39
CA SER A 104 25.58 -10.89 -23.67
C SER A 104 26.79 -11.81 -23.51
N GLU A 105 27.88 -11.28 -22.94
CA GLU A 105 29.08 -12.07 -22.72
C GLU A 105 28.76 -13.34 -21.93
N PHE A 106 27.95 -13.20 -20.88
CA PHE A 106 27.76 -14.32 -19.97
C PHE A 106 26.94 -15.42 -20.63
N ILE A 107 25.83 -15.06 -21.26
CA ILE A 107 25.01 -16.06 -21.93
C ILE A 107 25.80 -16.75 -23.02
N LYS A 108 26.68 -16.02 -23.69
CA LYS A 108 27.59 -16.65 -24.64
C LYS A 108 28.44 -17.72 -23.97
N SER A 109 28.89 -17.47 -22.74
CA SER A 109 29.76 -18.42 -22.05
C SER A 109 29.06 -19.73 -21.70
N ILE A 110 27.72 -19.78 -21.66
CA ILE A 110 27.03 -20.99 -21.26
C ILE A 110 26.22 -21.58 -22.41
N ASP A 111 26.37 -21.04 -23.61
CA ASP A 111 25.64 -21.53 -24.78
C ASP A 111 25.91 -23.01 -25.03
N GLY A 112 24.82 -23.79 -25.09
CA GLY A 112 24.95 -25.23 -25.21
C GLY A 112 25.41 -25.92 -23.96
N LYS A 113 25.30 -25.28 -22.81
CA LYS A 113 25.74 -25.86 -21.55
C LYS A 113 24.72 -25.67 -20.43
N LYS A 114 23.51 -25.18 -20.75
CA LYS A 114 22.45 -24.98 -19.76
C LYS A 114 21.72 -26.29 -19.49
N PRO A 115 21.52 -26.67 -18.22
CA PRO A 115 20.64 -27.80 -17.91
C PRO A 115 19.21 -27.53 -18.34
N GLY A 116 18.38 -28.57 -18.26
CA GLY A 116 17.07 -28.51 -18.86
C GLY A 116 16.12 -27.54 -18.17
N LYS A 117 16.06 -27.60 -16.85
CA LYS A 117 15.08 -26.82 -16.10
C LYS A 117 15.49 -25.37 -15.90
N PHE A 118 16.69 -24.98 -16.35
CA PHE A 118 17.36 -23.77 -15.93
C PHE A 118 16.95 -22.57 -16.78
N LYS A 119 16.63 -21.45 -16.13
CA LYS A 119 16.30 -20.21 -16.83
C LYS A 119 17.23 -19.09 -16.39
N VAL A 120 17.59 -18.23 -17.35
CA VAL A 120 18.45 -17.09 -17.10
C VAL A 120 17.59 -15.84 -17.04
N ILE A 121 17.56 -15.21 -15.89
CA ILE A 121 16.98 -13.87 -15.75
C ILE A 121 18.06 -12.85 -16.06
N VAL A 122 17.76 -11.92 -16.96
CA VAL A 122 18.63 -10.77 -17.23
C VAL A 122 17.90 -9.53 -16.74
N SER A 123 18.54 -8.78 -15.84
CA SER A 123 17.88 -7.72 -15.09
C SER A 123 18.52 -6.36 -15.35
N SER A 124 17.72 -5.31 -15.14
CA SER A 124 18.18 -3.93 -15.23
C SER A 124 17.51 -3.16 -14.12
N HIS A 125 18.30 -2.40 -13.36
CA HIS A 125 17.80 -1.67 -12.21
C HIS A 125 17.98 -0.18 -12.43
N ASN A 126 16.90 0.57 -12.29
CA ASN A 126 16.87 2.02 -12.47
C ASN A 126 16.51 2.66 -11.13
N TYR A 127 17.49 3.26 -10.47
CA TYR A 127 17.29 3.86 -9.16
C TYR A 127 16.83 5.32 -9.23
N GLN A 128 16.67 5.88 -10.43
CA GLN A 128 16.34 7.29 -10.60
C GLN A 128 14.85 7.51 -10.82
N ASN A 129 14.31 6.89 -11.87
CA ASN A 129 12.97 7.22 -12.27
C ASN A 129 12.34 6.02 -12.93
N THR A 130 11.19 6.23 -13.54
CA THR A 130 10.58 5.23 -14.40
C THR A 130 10.49 5.81 -15.80
N PRO A 131 11.28 5.30 -16.74
CA PRO A 131 11.32 5.90 -18.09
C PRO A 131 10.01 5.79 -18.84
N SER A 132 9.95 6.53 -19.94
CA SER A 132 8.81 6.52 -20.83
C SER A 132 8.59 5.11 -21.39
N VAL A 133 7.37 4.86 -21.88
CA VAL A 133 7.07 3.58 -22.52
C VAL A 133 8.03 3.32 -23.67
N GLU A 134 8.35 4.37 -24.43
CA GLU A 134 9.34 4.25 -25.50
C GLU A 134 10.68 3.77 -24.97
N ASP A 135 11.15 4.32 -23.85
CA ASP A 135 12.46 3.92 -23.34
C ASP A 135 12.41 2.52 -22.71
N LEU A 136 11.31 2.20 -22.04
CA LEU A 136 11.13 0.85 -21.51
C LEU A 136 11.10 -0.21 -22.61
N ASP A 137 10.38 0.08 -23.70
CA ASP A 137 10.36 -0.82 -24.84
C ASP A 137 11.77 -1.14 -25.31
N GLY A 138 12.57 -0.11 -25.56
CA GLY A 138 13.96 -0.32 -25.95
C GLY A 138 14.74 -1.11 -24.92
N LEU A 139 14.47 -0.88 -23.63
CA LEU A 139 15.13 -1.68 -22.59
C LEU A 139 14.74 -3.15 -22.73
N VAL A 140 13.44 -3.43 -22.87
CA VAL A 140 13.00 -4.82 -23.06
C VAL A 140 13.69 -5.46 -24.25
N ALA A 141 13.75 -4.74 -25.38
CA ALA A 141 14.34 -5.33 -26.59
C ALA A 141 15.82 -5.62 -26.39
N ARG A 142 16.55 -4.69 -25.75
CA ARG A 142 17.96 -4.94 -25.41
C ARG A 142 18.12 -6.15 -24.52
N ILE A 143 17.21 -6.35 -23.56
CA ILE A 143 17.39 -7.48 -22.67
C ILE A 143 17.11 -8.78 -23.42
N GLN A 144 16.06 -8.79 -24.24
CA GLN A 144 15.79 -9.93 -25.12
C GLN A 144 17.00 -10.30 -25.98
N GLN A 145 17.66 -9.28 -26.56
CA GLN A 145 18.75 -9.52 -27.51
C GLN A 145 19.96 -10.20 -26.89
N THR A 146 20.11 -10.13 -25.57
CA THR A 146 21.17 -10.89 -24.90
C THR A 146 20.88 -12.39 -24.88
N GLY A 147 19.67 -12.80 -25.21
CA GLY A 147 19.30 -14.21 -25.08
C GLY A 147 18.71 -14.59 -23.75
N ALA A 148 18.27 -13.60 -22.97
CA ALA A 148 17.61 -13.82 -21.69
C ALA A 148 16.40 -14.74 -21.84
N ASP A 149 16.20 -15.62 -20.84
CA ASP A 149 14.96 -16.39 -20.75
C ASP A 149 13.83 -15.54 -20.19
N ILE A 150 14.13 -14.71 -19.21
CA ILE A 150 13.16 -13.88 -18.52
C ILE A 150 13.71 -12.46 -18.43
N VAL A 151 12.87 -11.47 -18.73
CA VAL A 151 13.26 -10.07 -18.66
C VAL A 151 12.96 -9.53 -17.27
N LYS A 152 13.93 -8.87 -16.64
CA LYS A 152 13.68 -8.25 -15.34
C LYS A 152 14.04 -6.76 -15.36
N ILE A 153 13.06 -5.93 -15.04
CA ILE A 153 13.23 -4.50 -15.04
C ILE A 153 12.67 -3.97 -13.74
N ALA A 154 13.52 -3.34 -12.94
CA ALA A 154 13.07 -2.58 -11.77
C ALA A 154 13.32 -1.11 -12.05
N THR A 155 12.29 -0.28 -11.83
CA THR A 155 12.37 1.17 -11.96
C THR A 155 12.02 1.80 -10.60
N THR A 156 11.98 3.12 -10.57
CA THR A 156 11.80 3.87 -9.34
C THR A 156 10.59 4.78 -9.48
N ALA A 157 9.75 4.81 -8.46
CA ALA A 157 8.52 5.59 -8.51
C ALA A 157 8.81 7.00 -8.04
N VAL A 158 8.86 7.96 -8.97
CA VAL A 158 8.87 9.37 -8.60
C VAL A 158 7.46 9.83 -8.29
N ASP A 159 6.48 9.38 -9.07
CA ASP A 159 5.09 9.61 -8.79
C ASP A 159 4.34 8.31 -8.98
N ILE A 160 3.18 8.17 -8.33
CA ILE A 160 2.47 6.90 -8.39
C ILE A 160 2.00 6.63 -9.83
N ALA A 161 1.72 7.68 -10.61
CA ALA A 161 1.39 7.52 -12.02
C ALA A 161 2.46 6.76 -12.82
N ASP A 162 3.70 6.72 -12.33
CA ASP A 162 4.73 5.95 -13.01
C ASP A 162 4.34 4.48 -13.15
N VAL A 163 3.58 3.95 -12.18
CA VAL A 163 3.32 2.51 -12.16
C VAL A 163 2.53 2.06 -13.40
N ALA A 164 1.67 2.92 -13.94
CA ALA A 164 0.90 2.49 -15.11
C ALA A 164 1.80 2.07 -16.27
N ARG A 165 2.94 2.73 -16.44
CA ARG A 165 3.84 2.36 -17.52
C ARG A 165 4.43 0.97 -17.29
N MET A 166 4.75 0.64 -16.03
CA MET A 166 5.28 -0.70 -15.79
C MET A 166 4.22 -1.76 -16.04
N PHE A 167 2.97 -1.49 -15.64
CA PHE A 167 1.87 -2.43 -15.91
C PHE A 167 1.69 -2.62 -17.41
N HIS A 168 1.72 -1.53 -18.18
CA HIS A 168 1.64 -1.66 -19.63
C HIS A 168 2.73 -2.59 -20.16
N ILE A 169 3.94 -2.52 -19.58
CA ILE A 169 5.05 -3.34 -20.07
C ILE A 169 4.83 -4.82 -19.75
N THR A 170 4.51 -5.13 -18.48
CA THR A 170 4.30 -6.53 -18.11
C THR A 170 3.08 -7.12 -18.82
N SER A 171 2.07 -6.28 -19.10
CA SER A 171 0.83 -6.77 -19.67
C SER A 171 0.99 -7.13 -21.15
N LYS A 172 1.85 -6.41 -21.87
CA LYS A 172 1.89 -6.53 -23.32
C LYS A 172 3.20 -7.07 -23.88
N ALA A 173 4.28 -7.09 -23.10
CA ALA A 173 5.54 -7.63 -23.64
C ALA A 173 5.40 -9.14 -23.85
N GLN A 174 5.72 -9.60 -25.05
CA GLN A 174 5.56 -11.02 -25.38
C GLN A 174 6.85 -11.80 -25.04
N VAL A 175 7.15 -11.81 -23.74
CA VAL A 175 8.31 -12.47 -23.18
C VAL A 175 8.11 -12.44 -21.67
N PRO A 176 8.42 -13.52 -20.92
CA PRO A 176 8.21 -13.48 -19.47
C PRO A 176 8.95 -12.31 -18.85
N THR A 177 8.22 -11.42 -18.20
CA THR A 177 8.76 -10.15 -17.71
C THR A 177 8.49 -10.02 -16.22
N ILE A 178 9.57 -9.86 -15.45
CA ILE A 178 9.51 -9.36 -14.08
C ILE A 178 9.63 -7.85 -14.15
N GLY A 179 8.55 -7.14 -13.84
CA GLY A 179 8.54 -5.69 -13.92
C GLY A 179 8.03 -5.08 -12.64
N LEU A 180 8.89 -4.36 -11.93
CA LEU A 180 8.55 -3.85 -10.61
C LEU A 180 8.98 -2.40 -10.48
N VAL A 181 8.25 -1.63 -9.67
CA VAL A 181 8.56 -0.23 -9.43
C VAL A 181 8.85 -0.06 -7.94
N MET A 182 10.05 0.44 -7.64
CA MET A 182 10.52 0.54 -6.26
C MET A 182 10.00 1.80 -5.57
N GLY A 183 10.09 1.81 -4.23
CA GLY A 183 9.64 2.93 -3.43
C GLY A 183 8.18 2.80 -3.01
N GLU A 184 7.81 3.58 -1.99
CA GLU A 184 6.44 3.50 -1.49
C GLU A 184 5.43 3.83 -2.58
N ARG A 185 5.72 4.85 -3.40
CA ARG A 185 4.76 5.21 -4.45
C ARG A 185 4.67 4.14 -5.54
N GLY A 186 5.59 3.18 -5.57
CA GLY A 186 5.54 2.07 -6.48
C GLY A 186 4.93 0.80 -5.92
N LEU A 187 4.47 0.81 -4.66
CA LEU A 187 4.06 -0.41 -3.98
C LEU A 187 2.96 -1.14 -4.74
N MET A 188 2.05 -0.39 -5.37
CA MET A 188 0.97 -1.04 -6.13
C MET A 188 1.52 -1.94 -7.22
N SER A 189 2.70 -1.62 -7.75
CA SER A 189 3.26 -2.45 -8.80
C SER A 189 3.63 -3.83 -8.31
N ARG A 190 3.91 -3.96 -7.00
CA ARG A 190 4.32 -5.24 -6.41
C ARG A 190 3.13 -6.12 -6.05
N ILE A 191 1.95 -5.52 -5.94
CA ILE A 191 0.79 -6.24 -5.47
C ILE A 191 -0.01 -6.80 -6.63
N LEU A 192 -0.08 -6.06 -7.74
CA LEU A 192 -1.03 -6.33 -8.81
C LEU A 192 -0.43 -7.13 -9.95
N CYS A 193 0.72 -7.77 -9.74
CA CYS A 193 1.42 -8.48 -10.83
C CYS A 193 0.52 -9.50 -11.53
N SER A 194 -0.32 -10.23 -10.76
CA SER A 194 -1.09 -11.30 -11.36
C SER A 194 -2.23 -10.77 -12.23
N LYS A 195 -2.62 -9.51 -12.05
CA LYS A 195 -3.57 -8.90 -12.97
C LYS A 195 -2.92 -8.38 -14.25
N PHE A 196 -1.68 -7.90 -14.20
CA PHE A 196 -1.07 -7.21 -15.33
C PHE A 196 0.09 -7.99 -15.97
N GLY A 197 0.17 -9.29 -15.74
CA GLY A 197 1.11 -10.11 -16.45
C GLY A 197 2.50 -10.23 -15.84
N GLY A 198 2.72 -9.72 -14.64
CA GLY A 198 4.02 -9.86 -14.04
C GLY A 198 4.35 -11.31 -13.75
N TYR A 199 5.60 -11.70 -14.03
CA TYR A 199 6.05 -13.06 -13.81
C TYR A 199 6.30 -13.37 -12.33
N LEU A 200 6.76 -12.38 -11.56
CA LEU A 200 7.22 -12.60 -10.20
C LEU A 200 7.11 -11.31 -9.42
N THR A 201 6.92 -11.44 -8.11
CA THR A 201 7.06 -10.32 -7.21
C THR A 201 7.88 -10.75 -6.01
N PHE A 202 8.55 -9.79 -5.37
CA PHE A 202 9.33 -10.06 -4.16
C PHE A 202 8.52 -9.73 -2.90
N GLY A 203 8.50 -10.70 -2.00
CA GLY A 203 7.88 -10.51 -0.69
C GLY A 203 8.87 -10.95 0.38
N THR A 204 8.92 -10.19 1.47
CA THR A 204 9.96 -10.35 2.48
C THR A 204 9.56 -11.36 3.55
N LEU A 205 10.57 -11.96 4.18
CA LEU A 205 10.29 -12.83 5.31
C LEU A 205 9.74 -12.03 6.48
N ASP A 206 10.18 -10.80 6.62
CA ASP A 206 9.55 -9.83 7.51
C ASP A 206 10.03 -8.46 7.10
N SER A 207 9.40 -7.43 7.67
CA SER A 207 9.65 -6.05 7.24
C SER A 207 11.08 -5.58 7.48
N SER A 208 11.88 -6.30 8.28
CA SER A 208 13.29 -5.90 8.40
C SER A 208 14.16 -6.42 7.26
N LYS A 209 13.72 -7.46 6.54
CA LYS A 209 14.58 -8.07 5.51
C LYS A 209 14.15 -7.63 4.12
N VAL A 210 14.18 -6.31 3.93
CA VAL A 210 13.87 -5.68 2.64
C VAL A 210 15.12 -5.67 1.76
N SER A 211 15.00 -6.12 0.51
CA SER A 211 16.16 -6.05 -0.39
C SER A 211 16.08 -4.89 -1.37
N ALA A 212 14.93 -4.22 -1.48
CA ALA A 212 14.82 -2.98 -2.22
C ALA A 212 13.59 -2.25 -1.71
N PRO A 213 13.59 -0.91 -1.73
CA PRO A 213 12.50 -0.16 -1.07
C PRO A 213 11.13 -0.56 -1.61
N GLY A 214 10.17 -0.71 -0.69
CA GLY A 214 8.77 -0.92 -1.04
C GLY A 214 8.28 -2.35 -0.92
N GLN A 215 9.16 -3.33 -0.80
CA GLN A 215 8.71 -4.72 -0.79
C GLN A 215 7.82 -4.99 0.43
N PRO A 216 6.65 -5.58 0.24
CA PRO A 216 5.84 -6.01 1.37
C PRO A 216 6.33 -7.37 1.86
N THR A 217 5.77 -7.81 2.99
CA THR A 217 6.04 -9.17 3.45
C THR A 217 5.23 -10.19 2.63
N ILE A 218 5.72 -11.42 2.64
CA ILE A 218 4.97 -12.54 2.07
C ILE A 218 3.61 -12.67 2.75
N LYS A 219 3.60 -12.57 4.08
CA LYS A 219 2.33 -12.75 4.80
C LYS A 219 1.30 -11.72 4.38
N ASP A 220 1.71 -10.45 4.19
CA ASP A 220 0.74 -9.44 3.76
C ASP A 220 0.27 -9.68 2.32
N LEU A 221 1.19 -10.01 1.42
CA LEU A 221 0.79 -10.37 0.06
C LEU A 221 -0.31 -11.44 0.09
N LEU A 222 -0.08 -12.52 0.85
CA LEU A 222 -1.01 -13.64 0.83
C LEU A 222 -2.28 -13.35 1.62
N ASP A 223 -2.16 -12.85 2.86
CA ASP A 223 -3.31 -12.76 3.75
C ASP A 223 -3.98 -11.39 3.78
N LEU A 224 -3.27 -10.34 3.44
CA LEU A 224 -3.87 -9.02 3.49
C LEU A 224 -4.37 -8.57 2.13
N TYR A 225 -3.51 -8.67 1.13
CA TYR A 225 -3.79 -8.29 -0.25
C TYR A 225 -4.39 -9.42 -1.06
N ASN A 226 -4.47 -10.64 -0.49
CA ASN A 226 -5.13 -11.78 -1.15
C ASN A 226 -4.50 -12.06 -2.49
N PHE A 227 -3.16 -12.19 -2.50
CA PHE A 227 -2.39 -12.19 -3.74
C PHE A 227 -2.86 -13.29 -4.70
N ARG A 228 -3.14 -14.49 -4.19
CA ARG A 228 -3.50 -15.61 -5.07
C ARG A 228 -4.85 -15.41 -5.76
N ARG A 229 -5.71 -14.54 -5.22
CA ARG A 229 -7.01 -14.30 -5.85
C ARG A 229 -6.95 -13.26 -6.96
N ILE A 230 -5.85 -12.52 -7.09
CA ILE A 230 -5.77 -11.45 -8.07
C ILE A 230 -5.58 -12.05 -9.46
N GLY A 231 -6.38 -11.59 -10.42
CA GLY A 231 -6.30 -12.04 -11.79
C GLY A 231 -6.57 -10.91 -12.77
N PRO A 232 -6.51 -11.22 -14.08
CA PRO A 232 -6.67 -10.16 -15.09
C PRO A 232 -7.97 -9.38 -14.98
N ASP A 233 -9.05 -10.02 -14.52
CA ASP A 233 -10.33 -9.34 -14.44
C ASP A 233 -10.59 -8.69 -13.09
N THR A 234 -9.75 -8.95 -12.09
CA THR A 234 -9.99 -8.34 -10.79
C THR A 234 -10.03 -6.82 -10.92
N LYS A 235 -11.01 -6.20 -10.27
CA LYS A 235 -11.12 -4.75 -10.24
C LYS A 235 -10.30 -4.19 -9.07
N VAL A 236 -9.69 -3.02 -9.30
CA VAL A 236 -8.76 -2.42 -8.33
C VAL A 236 -9.45 -1.26 -7.64
N TYR A 237 -9.37 -1.24 -6.31
CA TYR A 237 -9.83 -0.16 -5.45
C TYR A 237 -8.68 0.28 -4.56
N GLY A 238 -8.79 1.44 -3.95
CA GLY A 238 -7.71 1.82 -3.05
C GLY A 238 -7.99 3.10 -2.29
N ILE A 239 -7.15 3.34 -1.29
CA ILE A 239 -7.27 4.51 -0.44
C ILE A 239 -6.31 5.58 -0.97
N ILE A 240 -6.89 6.62 -1.58
CA ILE A 240 -6.14 7.78 -2.07
C ILE A 240 -5.82 8.69 -0.88
N GLY A 241 -4.54 8.93 -0.64
CA GLY A 241 -4.21 9.73 0.52
C GLY A 241 -2.76 10.19 0.47
N LYS A 242 -2.43 11.05 1.43
CA LYS A 242 -1.04 11.43 1.69
C LYS A 242 -0.94 12.08 3.06
N PRO A 243 -0.35 11.37 4.04
CA PRO A 243 0.17 10.00 3.94
C PRO A 243 -0.93 8.94 3.88
N VAL A 244 -0.53 7.69 3.65
CA VAL A 244 -1.48 6.63 3.38
C VAL A 244 -1.04 5.34 4.07
N SER A 245 0.24 5.28 4.47
CA SER A 245 0.82 4.04 4.96
C SER A 245 0.16 3.53 6.24
N HIS A 246 -0.52 4.40 6.99
CA HIS A 246 -1.20 3.96 8.20
C HIS A 246 -2.54 3.30 7.91
N SER A 247 -3.09 3.43 6.72
CA SER A 247 -4.49 3.11 6.52
C SER A 247 -4.76 1.62 6.65
N LYS A 248 -5.86 1.30 7.33
CA LYS A 248 -6.33 -0.07 7.44
C LYS A 248 -7.50 -0.35 6.53
N SER A 249 -7.86 0.58 5.66
CA SER A 249 -8.83 0.29 4.60
C SER A 249 -8.42 -0.93 3.76
N PRO A 250 -7.16 -1.12 3.36
CA PRO A 250 -6.85 -2.35 2.64
C PRO A 250 -7.10 -3.61 3.47
N ILE A 251 -6.91 -3.55 4.80
CA ILE A 251 -7.15 -4.74 5.61
C ILE A 251 -8.62 -5.13 5.56
N VAL A 252 -9.51 -4.15 5.79
CA VAL A 252 -10.91 -4.51 5.95
C VAL A 252 -11.56 -4.81 4.61
N HIS A 253 -11.28 -4.01 3.57
CA HIS A 253 -12.00 -4.22 2.31
C HIS A 253 -11.58 -5.51 1.63
N ASN A 254 -10.27 -5.84 1.64
CA ASN A 254 -9.83 -7.12 1.11
C ASN A 254 -10.45 -8.31 1.87
N GLN A 255 -10.53 -8.23 3.20
CA GLN A 255 -11.17 -9.33 3.91
C GLN A 255 -12.64 -9.45 3.51
N ALA A 256 -13.34 -8.31 3.40
CA ALA A 256 -14.74 -8.33 3.00
C ALA A 256 -14.91 -8.82 1.58
N PHE A 257 -14.13 -8.28 0.63
CA PHE A 257 -14.17 -8.77 -0.74
C PHE A 257 -13.98 -10.30 -0.77
N LYS A 258 -12.95 -10.80 -0.08
CA LYS A 258 -12.72 -12.24 -0.08
C LYS A 258 -13.88 -12.98 0.56
N SER A 259 -14.39 -12.48 1.70
CA SER A 259 -15.49 -13.15 2.39
C SER A 259 -16.72 -13.32 1.50
N VAL A 260 -17.06 -12.31 0.68
CA VAL A 260 -18.23 -12.40 -0.17
C VAL A 260 -17.89 -12.82 -1.60
N ASP A 261 -16.65 -13.26 -1.83
CA ASP A 261 -16.17 -13.71 -3.15
C ASP A 261 -16.42 -12.69 -4.25
N PHE A 262 -16.14 -11.42 -3.93
CA PHE A 262 -16.18 -10.34 -4.89
C PHE A 262 -14.80 -10.18 -5.53
N ASN A 263 -14.77 -10.07 -6.85
CA ASN A 263 -13.51 -10.10 -7.59
C ASN A 263 -12.85 -8.71 -7.62
N GLY A 264 -12.44 -8.24 -6.44
CA GLY A 264 -11.78 -6.96 -6.31
C GLY A 264 -10.58 -7.06 -5.40
N VAL A 265 -9.73 -6.03 -5.46
CA VAL A 265 -8.56 -5.92 -4.59
C VAL A 265 -8.35 -4.46 -4.21
N TYR A 266 -7.92 -4.22 -2.97
CA TYR A 266 -7.82 -2.87 -2.41
C TYR A 266 -6.38 -2.62 -1.95
N VAL A 267 -5.74 -1.57 -2.47
CA VAL A 267 -4.33 -1.28 -2.22
C VAL A 267 -4.19 0.13 -1.66
N HIS A 268 -2.99 0.45 -1.16
CA HIS A 268 -2.68 1.81 -0.76
C HIS A 268 -2.31 2.63 -1.98
N LEU A 269 -2.80 3.87 -2.02
CA LEU A 269 -2.53 4.80 -3.11
C LEU A 269 -1.90 6.06 -2.51
N LEU A 270 -0.58 6.16 -2.52
CA LEU A 270 0.09 7.37 -2.05
C LEU A 270 0.08 8.38 -3.20
N VAL A 271 -0.82 9.35 -3.10
CA VAL A 271 -1.10 10.27 -4.21
C VAL A 271 -0.62 11.66 -3.83
N ASP A 272 0.28 12.22 -4.65
CA ASP A 272 0.75 13.59 -4.48
C ASP A 272 -0.19 14.57 -5.16
N ASN A 273 -0.66 14.22 -6.34
CA ASN A 273 -1.48 15.10 -7.17
C ASN A 273 -2.72 14.36 -7.63
N LEU A 274 -3.88 14.77 -7.10
CA LEU A 274 -5.11 13.99 -7.30
C LEU A 274 -5.55 13.99 -8.77
N VAL A 275 -5.43 15.15 -9.44
CA VAL A 275 -5.85 15.25 -10.83
C VAL A 275 -5.04 14.30 -11.69
N SER A 276 -3.71 14.36 -11.62
CA SER A 276 -2.91 13.50 -12.47
C SER A 276 -3.12 12.03 -12.13
N PHE A 277 -3.42 11.74 -10.85
CA PHE A 277 -3.65 10.35 -10.47
C PHE A 277 -4.86 9.79 -11.20
N LEU A 278 -6.01 10.46 -11.07
CA LEU A 278 -7.24 10.01 -11.72
C LEU A 278 -7.09 9.94 -13.23
N GLN A 279 -6.41 10.92 -13.83
CA GLN A 279 -6.16 10.85 -15.27
C GLN A 279 -5.31 9.64 -15.63
N ALA A 280 -4.29 9.33 -14.83
CA ALA A 280 -3.39 8.23 -15.15
C ALA A 280 -4.03 6.85 -14.96
N TYR A 281 -5.09 6.74 -14.16
CA TYR A 281 -5.71 5.45 -13.86
C TYR A 281 -7.21 5.54 -14.13
N SER A 282 -7.56 5.87 -15.37
CA SER A 282 -8.95 6.09 -15.75
C SER A 282 -9.63 4.86 -16.33
N SER A 283 -8.87 3.84 -16.71
CA SER A 283 -9.44 2.64 -17.31
C SER A 283 -10.43 1.98 -16.37
N SER A 284 -11.24 1.08 -16.93
CA SER A 284 -12.19 0.29 -16.16
C SER A 284 -11.50 -0.58 -15.11
N ASP A 285 -10.20 -0.83 -15.26
CA ASP A 285 -9.46 -1.62 -14.29
C ASP A 285 -9.55 -1.02 -12.88
N PHE A 286 -9.77 0.28 -12.80
CA PHE A 286 -9.71 1.00 -11.52
C PHE A 286 -11.11 1.49 -11.21
N ALA A 287 -11.82 0.73 -10.38
CA ALA A 287 -13.26 0.82 -10.33
C ALA A 287 -13.76 1.75 -9.24
N GLY A 288 -12.95 2.03 -8.23
CA GLY A 288 -13.39 2.93 -7.18
C GLY A 288 -12.27 3.23 -6.23
N PHE A 289 -12.46 4.28 -5.45
CA PHE A 289 -11.42 4.69 -4.52
C PHE A 289 -12.05 5.24 -3.26
N SER A 290 -11.32 5.12 -2.17
CA SER A 290 -11.60 5.93 -0.99
C SER A 290 -10.66 7.13 -1.02
N CYS A 291 -11.11 8.26 -0.44
CA CYS A 291 -10.34 9.51 -0.47
C CYS A 291 -10.08 10.00 0.95
N GLY A 292 -8.81 10.10 1.32
CA GLY A 292 -8.42 10.64 2.60
C GLY A 292 -7.73 11.98 2.48
N ILE A 293 -7.21 12.44 3.62
CA ILE A 293 -6.38 13.64 3.68
C ILE A 293 -5.25 13.50 2.66
N PRO A 294 -4.95 14.57 1.88
CA PRO A 294 -5.61 15.87 1.80
C PRO A 294 -6.45 16.04 0.55
N HIS A 295 -7.09 14.97 0.09
CA HIS A 295 -7.68 14.96 -1.23
C HIS A 295 -9.20 14.95 -1.25
N LYS A 296 -9.86 15.06 -0.09
CA LYS A 296 -11.31 14.95 -0.05
C LYS A 296 -11.97 16.07 -0.87
N GLU A 297 -11.52 17.31 -0.70
CA GLU A 297 -12.17 18.41 -1.41
C GLU A 297 -11.83 18.39 -2.90
N ALA A 298 -10.57 18.13 -3.25
CA ALA A 298 -10.19 18.07 -4.66
C ALA A 298 -10.92 16.94 -5.38
N ALA A 299 -11.28 15.88 -4.66
CA ALA A 299 -12.00 14.79 -5.29
C ALA A 299 -13.40 15.23 -5.70
N LEU A 300 -14.08 15.99 -4.84
CA LEU A 300 -15.36 16.58 -5.21
C LEU A 300 -15.27 17.31 -6.54
N GLN A 301 -14.19 18.08 -6.74
CA GLN A 301 -14.02 18.80 -8.01
C GLN A 301 -13.73 17.86 -9.16
N CYS A 302 -13.00 16.77 -8.92
CA CYS A 302 -12.67 15.89 -10.03
C CYS A 302 -13.82 14.96 -10.43
N CYS A 303 -14.89 14.89 -9.64
CA CYS A 303 -16.01 14.01 -9.92
C CYS A 303 -16.96 14.63 -10.94
N ASP A 304 -17.50 13.79 -11.82
CA ASP A 304 -18.45 14.26 -12.82
C ASP A 304 -19.84 14.44 -12.23
N GLU A 305 -20.33 13.45 -11.50
CA GLU A 305 -21.57 13.58 -10.75
C GLU A 305 -21.26 13.49 -9.26
N VAL A 306 -22.09 14.13 -8.46
CA VAL A 306 -21.83 14.24 -7.03
C VAL A 306 -23.14 14.03 -6.28
N ASP A 307 -23.15 13.07 -5.35
CA ASP A 307 -24.33 12.79 -4.55
C ASP A 307 -24.72 14.05 -3.77
N PRO A 308 -26.02 14.30 -3.58
CA PRO A 308 -26.44 15.52 -2.88
C PRO A 308 -25.81 15.71 -1.51
N LEU A 309 -25.76 14.66 -0.69
CA LEU A 309 -25.13 14.80 0.61
C LEU A 309 -23.69 15.28 0.47
N ALA A 310 -22.98 14.82 -0.57
CA ALA A 310 -21.60 15.21 -0.76
C ALA A 310 -21.48 16.61 -1.35
N LYS A 311 -22.34 16.89 -2.34
CA LYS A 311 -22.54 18.25 -2.84
C LYS A 311 -22.65 19.25 -1.72
N SER A 312 -23.63 19.03 -0.86
CA SER A 312 -23.94 19.98 0.20
C SER A 312 -22.95 19.90 1.36
N ILE A 313 -22.09 18.90 1.40
CA ILE A 313 -21.01 18.87 2.39
C ILE A 313 -19.80 19.64 1.89
N GLY A 314 -19.53 19.54 0.60
CA GLY A 314 -18.37 20.15 0.01
C GLY A 314 -17.17 19.23 -0.16
N ALA A 315 -17.33 17.93 0.10
CA ALA A 315 -16.20 17.02 0.10
C ALA A 315 -16.67 15.62 -0.29
N VAL A 316 -15.78 14.89 -0.97
CA VAL A 316 -16.01 13.52 -1.39
C VAL A 316 -14.96 12.63 -0.75
N ASN A 317 -15.41 11.58 -0.03
CA ASN A 317 -14.50 10.55 0.45
C ASN A 317 -14.65 9.21 -0.25
N THR A 318 -15.65 9.03 -1.13
CA THR A 318 -15.78 7.81 -1.91
C THR A 318 -15.97 8.12 -3.38
N ILE A 319 -15.14 7.55 -4.23
CA ILE A 319 -15.26 7.71 -5.68
C ILE A 319 -15.63 6.37 -6.28
N LEU A 320 -16.74 6.33 -7.01
CA LEU A 320 -17.11 5.19 -7.85
C LEU A 320 -16.99 5.57 -9.31
N ARG A 321 -16.37 4.69 -10.10
CA ARG A 321 -16.26 4.86 -11.55
C ARG A 321 -17.34 4.01 -12.21
N ARG A 322 -18.33 4.68 -12.81
CA ARG A 322 -19.47 3.96 -13.37
C ARG A 322 -19.08 3.23 -14.64
N LYS A 323 -19.42 1.94 -14.69
CA LYS A 323 -18.97 1.08 -15.78
C LYS A 323 -19.56 1.51 -17.12
N SER A 324 -20.75 2.11 -17.10
CA SER A 324 -21.46 2.57 -18.30
C SER A 324 -20.57 3.42 -19.19
N ASP A 325 -20.18 4.58 -18.67
CA ASP A 325 -19.49 5.62 -19.42
C ASP A 325 -18.11 5.95 -18.88
N GLY A 326 -17.62 5.22 -17.88
CA GLY A 326 -16.35 5.57 -17.26
C GLY A 326 -16.43 6.78 -16.37
N LYS A 327 -17.64 7.17 -15.98
CA LYS A 327 -17.84 8.41 -15.25
C LYS A 327 -17.56 8.24 -13.76
N LEU A 328 -17.04 9.31 -13.15
CA LEU A 328 -16.66 9.33 -11.74
C LEU A 328 -17.77 9.94 -10.90
N LEU A 329 -18.36 9.14 -10.02
CA LEU A 329 -19.40 9.56 -9.10
C LEU A 329 -18.85 9.68 -7.69
N GLY A 330 -19.24 10.77 -7.02
CA GLY A 330 -18.68 11.07 -5.72
C GLY A 330 -19.69 11.02 -4.59
N TYR A 331 -19.32 10.33 -3.52
CA TYR A 331 -20.19 10.17 -2.35
C TYR A 331 -19.41 10.55 -1.10
N ASN A 332 -20.15 10.78 -0.01
CA ASN A 332 -19.54 11.03 1.29
C ASN A 332 -20.14 10.08 2.32
N THR A 333 -19.29 9.22 2.90
CA THR A 333 -19.66 8.38 4.01
C THR A 333 -19.02 8.82 5.33
N ASP A 334 -18.29 9.94 5.34
CA ASP A 334 -17.77 10.44 6.60
C ASP A 334 -18.88 10.95 7.50
N CYS A 335 -19.90 11.59 6.93
CA CYS A 335 -20.92 12.21 7.77
C CYS A 335 -21.60 11.17 8.64
N ILE A 336 -22.22 10.18 8.01
CA ILE A 336 -22.99 9.20 8.75
C ILE A 336 -22.10 8.42 9.71
N GLY A 337 -20.89 8.04 9.27
CA GLY A 337 -20.00 7.31 10.16
C GLY A 337 -19.63 8.12 11.38
N SER A 338 -19.28 9.39 11.18
CA SER A 338 -18.93 10.25 12.31
C SER A 338 -20.13 10.46 13.23
N ILE A 339 -21.22 10.98 12.68
CA ILE A 339 -22.35 11.38 13.51
C ILE A 339 -22.92 10.20 14.26
N SER A 340 -23.09 9.06 13.58
CA SER A 340 -23.70 7.91 14.23
C SER A 340 -22.80 7.32 15.29
N ALA A 341 -21.48 7.39 15.11
CA ALA A 341 -20.60 6.92 16.16
C ALA A 341 -20.72 7.80 17.39
N ILE A 342 -20.92 9.11 17.19
CA ILE A 342 -21.08 10.03 18.31
C ILE A 342 -22.41 9.80 19.00
N GLU A 343 -23.49 9.68 18.22
CA GLU A 343 -24.80 9.46 18.81
C GLU A 343 -24.83 8.18 19.64
N ASP A 344 -24.19 7.12 19.15
CA ASP A 344 -24.10 5.90 19.94
C ASP A 344 -23.25 6.12 21.19
N GLY A 345 -22.36 7.11 21.20
CA GLY A 345 -21.60 7.40 22.40
C GLY A 345 -22.48 7.88 23.54
N LEU A 346 -23.53 8.64 23.22
CA LEU A 346 -24.47 9.16 24.22
C LEU A 346 -25.61 8.20 24.53
N THR A 366 -23.97 20.66 22.02
CA THR A 366 -23.09 21.69 21.49
C THR A 366 -21.69 21.19 21.06
N VAL A 367 -21.35 21.38 19.77
CA VAL A 367 -20.32 20.60 19.08
C VAL A 367 -19.11 21.45 18.69
N VAL A 368 -17.95 21.09 19.24
CA VAL A 368 -16.68 21.72 18.87
C VAL A 368 -15.92 20.80 17.92
N VAL A 369 -15.73 21.24 16.68
CA VAL A 369 -15.13 20.44 15.61
C VAL A 369 -13.72 20.94 15.36
N ILE A 370 -12.72 20.11 15.65
CA ILE A 370 -11.34 20.45 15.33
C ILE A 370 -11.06 20.08 13.88
N GLY A 371 -10.52 21.03 13.12
CA GLY A 371 -10.25 20.77 11.73
C GLY A 371 -11.37 21.18 10.82
N ALA A 372 -11.03 21.81 9.69
CA ALA A 372 -12.00 22.25 8.71
C ALA A 372 -11.63 21.76 7.33
N GLY A 373 -11.00 20.59 7.25
CA GLY A 373 -10.86 19.86 6.02
C GLY A 373 -12.09 19.01 5.75
N GLY A 374 -11.95 18.13 4.76
CA GLY A 374 -13.08 17.31 4.32
C GLY A 374 -13.77 16.57 5.45
N ALA A 375 -13.00 16.00 6.37
CA ALA A 375 -13.62 15.27 7.48
C ALA A 375 -14.32 16.21 8.44
N GLY A 376 -13.79 17.43 8.60
CA GLY A 376 -14.44 18.40 9.46
C GLY A 376 -15.72 18.93 8.83
N LYS A 377 -15.69 19.13 7.51
CA LYS A 377 -16.89 19.56 6.82
C LYS A 377 -18.02 18.55 7.00
N ALA A 378 -17.72 17.26 6.79
CA ALA A 378 -18.74 16.24 6.93
C ALA A 378 -19.28 16.17 8.34
N LEU A 379 -18.41 16.29 9.34
CA LEU A 379 -18.91 16.22 10.71
C LEU A 379 -19.64 17.51 11.08
N ALA A 380 -19.06 18.66 10.73
CA ALA A 380 -19.75 19.91 10.99
C ALA A 380 -21.13 19.90 10.34
N TYR A 381 -21.19 19.58 9.05
CA TYR A 381 -22.46 19.49 8.35
C TYR A 381 -23.45 18.60 9.08
N GLY A 382 -23.01 17.39 9.44
CA GLY A 382 -23.92 16.45 10.07
C GLY A 382 -24.49 16.96 11.38
N ALA A 383 -23.67 17.65 12.17
CA ALA A 383 -24.11 18.04 13.51
C ALA A 383 -25.21 19.11 13.47
N LYS A 384 -25.01 20.15 12.65
CA LYS A 384 -26.07 21.15 12.49
C LYS A 384 -27.38 20.50 12.07
N GLU A 385 -27.31 19.37 11.37
CA GLU A 385 -28.52 18.71 10.89
C GLU A 385 -29.33 18.10 12.02
N LYS A 386 -28.69 17.65 13.10
CA LYS A 386 -29.45 16.88 14.05
C LYS A 386 -29.05 16.97 15.52
N GLY A 387 -29.53 17.99 16.23
CA GLY A 387 -29.34 18.08 17.66
C GLY A 387 -28.84 19.42 18.19
N ALA A 388 -27.59 19.77 17.85
CA ALA A 388 -27.00 21.03 18.29
C ALA A 388 -26.06 21.54 17.21
N LYS A 389 -26.29 22.75 16.74
CA LYS A 389 -25.47 23.35 15.69
C LYS A 389 -24.46 24.35 16.25
N VAL A 390 -23.16 24.10 16.07
CA VAL A 390 -22.14 24.74 16.91
C VAL A 390 -20.85 24.98 16.13
N VAL A 391 -19.70 25.00 16.83
CA VAL A 391 -18.54 25.84 16.50
C VAL A 391 -17.38 24.99 16.00
N ILE A 392 -16.65 25.53 15.01
CA ILE A 392 -15.48 24.91 14.42
C ILE A 392 -14.22 25.55 15.01
N ALA A 393 -13.13 24.79 15.00
CA ALA A 393 -11.80 25.26 15.35
C ALA A 393 -10.79 24.68 14.37
N ASN A 394 -10.00 25.53 13.74
CA ASN A 394 -9.00 25.03 12.81
C ASN A 394 -7.66 25.71 13.09
N ARG A 395 -6.59 25.11 12.55
CA ARG A 395 -5.27 25.69 12.56
C ARG A 395 -5.37 27.10 12.01
N THR A 396 -5.66 27.19 10.71
CA THR A 396 -6.01 28.45 10.10
C THR A 396 -7.39 28.89 10.60
N TYR A 397 -7.41 29.97 11.39
CA TYR A 397 -8.66 30.40 12.06
C TYR A 397 -9.80 30.53 11.09
N GLU A 398 -9.52 31.06 9.92
CA GLU A 398 -10.57 31.66 9.11
C GLU A 398 -11.43 30.60 8.41
N ARG A 399 -11.03 29.34 8.49
CA ARG A 399 -11.90 28.21 8.19
C ARG A 399 -12.84 27.91 9.36
N GLU A 402 -14.73 30.25 7.54
CA GLU A 402 -15.92 29.96 6.73
C GLU A 402 -16.94 29.06 7.39
N LEU A 403 -16.55 27.79 7.50
CA LEU A 403 -17.53 26.72 7.65
C LEU A 403 -18.46 26.96 8.83
N ALA A 404 -17.99 27.64 9.88
CA ALA A 404 -18.86 28.01 10.98
C ALA A 404 -19.94 29.01 10.54
N GLU A 405 -19.76 29.63 9.38
CA GLU A 405 -20.76 30.51 8.81
C GLU A 405 -21.68 29.77 7.87
N ALA A 406 -21.11 29.02 6.91
CA ALA A 406 -21.93 28.22 6.00
C ALA A 406 -22.77 27.18 6.73
N ILE A 407 -22.56 27.00 8.03
CA ILE A 407 -23.33 26.04 8.81
C ILE A 407 -23.96 26.65 10.05
N GLY A 408 -23.45 27.76 10.58
CA GLY A 408 -24.06 28.39 11.74
C GLY A 408 -23.24 28.22 13.00
N ALA A 411 -16.78 30.46 14.59
CA ALA A 411 -15.43 29.91 14.47
C ALA A 411 -14.58 30.15 15.71
N LEU A 412 -13.30 29.74 15.63
CA LEU A 412 -12.40 29.69 16.78
C LEU A 412 -10.99 29.33 16.33
N SER A 413 -10.03 30.23 16.55
CA SER A 413 -8.64 29.99 16.16
C SER A 413 -8.03 28.89 17.01
N LEU A 414 -7.15 28.11 16.38
CA LEU A 414 -6.63 26.91 17.05
C LEU A 414 -5.90 27.26 18.33
N THR A 415 -5.04 28.29 18.28
CA THR A 415 -4.26 28.72 19.44
C THR A 415 -5.12 29.05 20.64
N ASP A 416 -6.42 29.29 20.44
CA ASP A 416 -7.33 29.73 21.50
C ASP A 416 -8.21 28.62 22.04
N LEU A 417 -8.19 27.42 21.47
CA LEU A 417 -9.24 26.44 21.78
C LEU A 417 -9.15 25.93 23.21
N ASP A 418 -7.95 25.86 23.78
CA ASP A 418 -7.83 25.51 25.20
C ASP A 418 -8.55 26.53 26.07
N ASN A 419 -8.28 27.82 25.82
CA ASN A 419 -9.01 28.89 26.48
C ASN A 419 -10.45 28.86 26.01
N TYR A 420 -11.30 28.18 26.77
CA TYR A 420 -12.67 27.98 26.33
C TYR A 420 -13.54 27.44 27.46
N GLU A 423 -19.61 26.40 29.30
CA GLU A 423 -20.26 25.10 29.46
C GLU A 423 -19.36 24.10 30.23
N ASP A 424 -19.93 22.99 30.69
CA ASP A 424 -19.19 21.98 31.46
C ASP A 424 -19.20 20.58 30.84
N GLY A 425 -20.33 20.19 30.25
CA GLY A 425 -20.48 18.83 29.76
C GLY A 425 -20.86 18.75 28.29
N MET A 426 -19.98 19.26 27.43
CA MET A 426 -20.27 19.29 26.00
C MET A 426 -19.44 18.26 25.22
N VAL A 427 -19.19 18.55 23.95
CA VAL A 427 -18.66 17.60 22.99
C VAL A 427 -17.40 18.21 22.35
N LEU A 428 -16.54 17.35 21.84
CA LEU A 428 -15.41 17.82 21.04
C LEU A 428 -15.05 16.72 20.06
N ALA A 429 -14.80 17.10 18.81
CA ALA A 429 -14.59 16.14 17.73
C ALA A 429 -13.34 16.52 16.93
N ASN A 430 -12.25 15.78 17.16
CA ASN A 430 -11.05 15.94 16.36
C ASN A 430 -11.23 15.24 15.01
N THR A 431 -10.98 15.98 13.93
CA THR A 431 -11.02 15.40 12.59
C THR A 431 -9.74 15.73 11.82
N THR A 432 -8.68 16.16 12.51
CA THR A 432 -7.36 16.37 11.93
C THR A 432 -6.50 15.13 12.17
N SER A 433 -5.30 15.17 11.56
CA SER A 433 -4.29 14.14 11.72
C SER A 433 -3.52 14.25 13.03
N MET A 434 -3.79 15.26 13.85
CA MET A 434 -3.04 15.42 15.09
C MET A 434 -3.29 14.21 16.00
N GLY A 435 -2.21 13.63 16.51
CA GLY A 435 -2.29 12.42 17.30
C GLY A 435 -2.11 11.13 16.52
N MET A 436 -2.21 11.16 15.19
CA MET A 436 -2.03 9.96 14.37
C MET A 436 -0.57 9.57 14.33
N GLN A 437 -0.32 8.27 14.49
CA GLN A 437 1.03 7.68 14.37
C GLN A 437 1.76 8.25 13.16
N PRO A 438 3.05 8.58 13.34
CA PRO A 438 3.85 8.39 14.56
C PRO A 438 3.77 9.52 15.60
N ASN A 439 2.81 10.45 15.49
CA ASN A 439 2.74 11.61 16.39
C ASN A 439 1.89 11.29 17.63
N VAL A 440 2.35 10.28 18.36
CA VAL A 440 1.50 9.69 19.40
C VAL A 440 1.38 10.58 20.64
N GLU A 441 2.27 11.56 20.83
CA GLU A 441 2.15 12.48 21.95
C GLU A 441 1.63 13.84 21.54
N GLU A 442 1.21 14.00 20.29
CA GLU A 442 0.52 15.20 19.85
C GLU A 442 -0.96 15.13 20.22
N THR A 443 -1.47 16.20 20.85
CA THR A 443 -2.90 16.26 21.12
C THR A 443 -3.42 17.64 20.73
N PRO A 444 -4.65 17.72 20.23
CA PRO A 444 -5.17 19.00 19.74
C PRO A 444 -5.54 19.99 20.84
N ILE A 445 -5.57 19.59 22.10
CA ILE A 445 -6.10 20.47 23.14
C ILE A 445 -5.53 20.04 24.48
N SER A 446 -5.39 21.01 25.40
CA SER A 446 -4.82 20.73 26.71
C SER A 446 -5.78 19.90 27.56
N LYS A 447 -5.19 18.96 28.31
CA LYS A 447 -5.92 18.13 29.25
C LYS A 447 -6.87 18.94 30.14
N ASP A 448 -6.37 20.07 30.65
CA ASP A 448 -7.18 20.89 31.55
C ASP A 448 -8.43 21.42 30.85
N ALA A 449 -8.35 21.68 29.55
CA ALA A 449 -9.49 22.20 28.81
C ALA A 449 -10.56 21.14 28.54
N LEU A 450 -10.30 19.86 28.86
CA LEU A 450 -11.27 18.80 28.62
C LEU A 450 -12.31 18.71 29.72
N LYS A 451 -12.01 19.33 30.85
CA LYS A 451 -12.93 19.39 31.97
C LYS A 451 -14.28 19.95 31.52
N HIS A 452 -14.30 20.78 30.48
CA HIS A 452 -15.50 21.34 29.89
C HIS A 452 -16.17 20.41 28.89
N TYR A 453 -15.87 19.11 28.88
CA TYR A 453 -16.42 18.28 27.80
C TYR A 453 -16.95 16.96 28.34
N ALA A 454 -18.13 16.57 27.87
CA ALA A 454 -18.74 15.30 28.25
C ALA A 454 -18.46 14.17 27.28
N LEU A 455 -18.31 14.47 25.99
CA LEU A 455 -17.89 13.45 25.02
C LEU A 455 -16.78 14.02 24.16
N VAL A 456 -15.77 13.18 23.90
CA VAL A 456 -14.69 13.53 23.00
C VAL A 456 -14.58 12.44 21.95
N PHE A 457 -14.64 12.83 20.69
CA PHE A 457 -14.52 11.92 19.56
C PHE A 457 -13.26 12.28 18.78
N ASP A 458 -12.50 11.25 18.42
CA ASP A 458 -11.25 11.40 17.67
C ASP A 458 -11.35 10.51 16.43
N ALA A 459 -11.42 11.12 15.24
CA ALA A 459 -11.44 10.36 13.99
C ALA A 459 -10.16 9.56 13.76
N VAL A 460 -9.04 9.98 14.35
CA VAL A 460 -7.81 9.20 14.27
C VAL A 460 -8.07 7.82 14.87
N TYR A 461 -7.76 6.77 14.10
CA TYR A 461 -7.90 5.41 14.61
C TYR A 461 -6.57 4.67 14.66
N THR A 462 -5.47 5.33 14.30
CA THR A 462 -4.14 4.74 14.37
C THR A 462 -3.22 5.76 15.00
N PRO A 463 -2.99 5.64 16.32
CA PRO A 463 -3.43 4.53 17.17
C PRO A 463 -4.88 4.58 17.58
N ARG A 464 -5.36 3.44 18.09
CA ARG A 464 -6.70 3.37 18.64
C ARG A 464 -6.88 4.32 19.83
N ILE A 465 -5.94 4.31 20.77
CA ILE A 465 -5.96 5.21 21.91
C ILE A 465 -5.01 6.36 21.61
N THR A 466 -5.55 7.48 21.13
CA THR A 466 -4.72 8.68 20.95
C THR A 466 -4.42 9.31 22.31
N ARG A 467 -3.49 10.28 22.30
CA ARG A 467 -3.27 11.03 23.53
C ARG A 467 -4.53 11.77 23.94
N LEU A 468 -5.21 12.38 22.96
CA LEU A 468 -6.45 13.08 23.24
C LEU A 468 -7.46 12.16 23.93
N LEU A 469 -7.69 10.97 23.37
CA LEU A 469 -8.69 10.08 23.93
C LEU A 469 -8.28 9.59 25.32
N ARG A 470 -6.99 9.29 25.49
CA ARG A 470 -6.47 8.88 26.79
C ARG A 470 -6.74 9.96 27.83
N GLU A 471 -6.26 11.18 27.57
CA GLU A 471 -6.45 12.27 28.52
C GLU A 471 -7.93 12.60 28.70
N ALA A 472 -8.73 12.51 27.63
CA ALA A 472 -10.16 12.78 27.74
C ALA A 472 -10.83 11.81 28.70
N GLU A 473 -10.38 10.55 28.71
CA GLU A 473 -10.97 9.59 29.63
C GLU A 473 -10.52 9.85 31.07
N GLU A 474 -9.26 10.24 31.26
CA GLU A 474 -8.81 10.62 32.59
C GLU A 474 -9.60 11.82 33.10
N SER A 475 -9.98 12.72 32.21
CA SER A 475 -10.87 13.85 32.50
C SER A 475 -12.30 13.40 32.76
N GLY A 476 -12.54 12.10 32.87
CA GLY A 476 -13.85 11.56 33.18
C GLY A 476 -14.86 11.63 32.07
N ALA A 477 -14.48 12.07 30.88
CA ALA A 477 -15.43 12.25 29.79
C ALA A 477 -15.70 10.94 29.05
N ILE A 478 -16.68 10.99 28.17
CA ILE A 478 -17.04 9.84 27.33
C ILE A 478 -16.16 9.87 26.09
N THR A 479 -15.50 8.75 25.80
CA THR A 479 -14.59 8.63 24.68
C THR A 479 -15.18 7.70 23.62
N VAL A 480 -15.33 8.21 22.41
CA VAL A 480 -15.67 7.42 21.23
C VAL A 480 -14.45 7.43 20.32
N SER A 481 -13.91 6.25 20.06
CA SER A 481 -12.68 6.18 19.28
C SER A 481 -12.97 6.26 17.79
N GLY A 482 -11.92 6.55 17.02
CA GLY A 482 -12.06 6.67 15.58
C GLY A 482 -12.46 5.38 14.89
N SER A 483 -12.15 4.23 15.51
CA SER A 483 -12.52 2.97 14.88
C SER A 483 -14.03 2.84 14.73
N GLU A 484 -14.79 3.37 15.70
CA GLU A 484 -16.25 3.39 15.56
C GLU A 484 -16.67 4.12 14.31
N MET A 485 -16.00 5.23 14.00
CA MET A 485 -16.30 5.94 12.77
C MET A 485 -15.72 5.22 11.57
N PHE A 486 -14.51 4.65 11.71
CA PHE A 486 -13.85 4.08 10.56
C PHE A 486 -14.61 2.87 10.03
N VAL A 487 -15.04 1.98 10.92
CA VAL A 487 -15.75 0.79 10.46
C VAL A 487 -17.08 1.20 9.83
N ARG A 488 -17.75 2.19 10.40
CA ARG A 488 -19.04 2.59 9.87
C ARG A 488 -18.89 3.16 8.47
N GLN A 489 -17.97 4.11 8.29
CA GLN A 489 -17.82 4.68 6.95
C GLN A 489 -17.31 3.66 5.96
N ALA A 490 -16.66 2.60 6.43
CA ALA A 490 -16.06 1.64 5.50
C ALA A 490 -17.09 0.68 4.94
N TYR A 491 -18.01 0.18 5.77
CA TYR A 491 -18.98 -0.73 5.19
C TYR A 491 -19.96 0.02 4.31
N GLU A 492 -20.13 1.32 4.52
CA GLU A 492 -20.89 2.10 3.56
C GLU A 492 -20.14 2.25 2.24
N GLN A 493 -18.81 2.25 2.26
CA GLN A 493 -18.07 2.29 0.99
C GLN A 493 -18.10 0.95 0.27
N PHE A 494 -18.02 -0.15 1.01
CA PHE A 494 -18.20 -1.47 0.43
C PHE A 494 -19.49 -1.54 -0.35
N GLU A 495 -20.58 -1.08 0.26
CA GLU A 495 -21.88 -1.12 -0.41
C GLU A 495 -21.83 -0.33 -1.71
N ILE A 496 -21.25 0.86 -1.67
CA ILE A 496 -21.06 1.65 -2.88
C ILE A 496 -20.18 0.92 -3.87
N PHE A 497 -19.04 0.40 -3.40
CA PHE A 497 -18.10 -0.26 -4.29
C PHE A 497 -18.71 -1.49 -4.97
N THR A 498 -19.32 -2.38 -4.17
CA THR A 498 -19.77 -3.67 -4.70
C THR A 498 -21.21 -3.65 -5.18
N GLY A 499 -22.03 -2.68 -4.75
CA GLY A 499 -23.46 -2.81 -4.97
C GLY A 499 -24.12 -3.90 -4.16
N LEU A 500 -23.40 -4.50 -3.17
CA LEU A 500 -23.93 -5.52 -2.29
C LEU A 500 -24.25 -4.91 -0.94
N PRO A 501 -25.24 -5.43 -0.24
CA PRO A 501 -25.63 -4.85 1.04
C PRO A 501 -24.47 -4.84 2.02
N ALA A 502 -24.35 -3.72 2.73
CA ALA A 502 -23.24 -3.57 3.67
C ALA A 502 -23.29 -4.70 4.69
N PRO A 503 -22.31 -5.45 4.82
CA PRO A 503 -22.29 -6.54 5.81
C PRO A 503 -21.70 -6.01 7.11
N LYS A 504 -22.53 -5.31 7.88
CA LYS A 504 -22.03 -4.55 9.02
C LYS A 504 -21.34 -5.47 10.02
N GLU A 505 -22.07 -6.49 10.50
CA GLU A 505 -21.48 -7.44 11.45
C GLU A 505 -20.12 -7.95 11.00
N LEU A 506 -19.98 -8.25 9.72
CA LEU A 506 -18.71 -8.75 9.21
C LEU A 506 -17.58 -7.74 9.42
N TYR A 507 -17.84 -6.47 9.07
CA TYR A 507 -16.81 -5.43 9.14
C TYR A 507 -16.36 -5.18 10.57
N TRP A 508 -17.29 -5.23 11.53
CA TRP A 508 -16.88 -5.16 12.92
C TRP A 508 -15.96 -6.33 13.26
N GLN A 509 -16.37 -7.53 12.84
CA GLN A 509 -15.61 -8.74 13.13
C GLN A 509 -14.25 -8.71 12.45
N ILE A 510 -14.18 -8.21 11.21
CA ILE A 510 -12.90 -8.06 10.54
C ILE A 510 -12.01 -7.08 11.32
N MET A 511 -12.57 -5.95 11.72
CA MET A 511 -11.76 -4.94 12.41
C MET A 511 -11.25 -5.47 13.74
N SER A 512 -12.10 -6.22 14.46
CA SER A 512 -11.71 -6.78 15.74
C SER A 512 -10.58 -7.80 15.58
N LYS A 513 -10.66 -8.67 14.58
CA LYS A 513 -9.71 -9.77 14.43
C LYS A 513 -8.47 -9.38 13.64
N TYR A 514 -8.60 -8.53 12.63
CA TYR A 514 -7.50 -8.24 11.72
C TYR A 514 -7.02 -6.79 11.75
N GLY A 515 -7.73 -5.89 12.43
CA GLY A 515 -7.34 -4.50 12.42
C GLY A 515 -6.95 -3.95 13.78
N SER A 516 -6.49 -4.83 14.67
CA SER A 516 -6.21 -4.41 16.05
C SER A 516 -4.77 -4.00 16.29
N ARG A 517 -3.83 -4.48 15.50
CA ARG A 517 -2.42 -4.26 15.78
C ARG A 517 -2.02 -2.83 15.48
N GLU A 518 -1.15 -2.28 16.31
CA GLU A 518 -0.75 -0.87 16.23
C GLU A 518 0.62 -0.72 15.58
N ASN A 519 0.93 0.53 15.22
CA ASN A 519 2.20 0.94 14.61
C ASN A 519 2.49 0.18 13.32
N LEU A 520 1.45 -0.10 12.54
CA LEU A 520 1.61 -0.78 11.27
C LEU A 520 1.77 0.27 10.18
N TYR A 521 2.82 0.12 9.38
CA TYR A 521 3.05 0.97 8.23
C TYR A 521 3.16 0.10 6.99
N PHE A 522 2.23 0.29 6.06
CA PHE A 522 2.26 -0.42 4.78
C PHE A 522 2.94 0.48 3.77
N GLN A 523 4.21 0.19 3.46
CA GLN A 523 4.97 1.10 2.62
C GLN A 523 6.24 0.47 2.10
S SO4 B . -8.95 17.06 3.04
O1 SO4 B . -8.83 15.76 2.39
O2 SO4 B . -7.64 17.63 3.38
O3 SO4 B . -9.61 18.00 2.13
O4 SO4 B . -9.75 16.91 4.26
S SO4 C . 28.16 0.51 -14.85
O1 SO4 C . 28.58 1.29 -16.01
O2 SO4 C . 29.11 -0.59 -14.68
O3 SO4 C . 26.82 -0.01 -15.11
O4 SO4 C . 28.16 1.36 -13.65
O1 TLA D . 16.59 -6.88 -7.96
O11 TLA D . 16.80 -7.32 -5.79
C1 TLA D . 16.13 -6.98 -6.79
C2 TLA D . 14.60 -6.66 -6.79
O2 TLA D . 14.10 -6.66 -8.07
C3 TLA D . 14.37 -5.30 -6.19
O3 TLA D . 14.97 -4.21 -6.93
C4 TLA D . 12.81 -5.08 -6.01
O4 TLA D . 12.45 -4.00 -6.53
O41 TLA D . 12.06 -5.83 -5.40
O12 SKM E . -12.93 8.90 4.99
C8 SKM E . -12.14 7.82 5.41
C6 SKM E . -11.45 7.22 4.14
O7 SKM E . -12.45 6.86 3.24
C5 SKM E . -10.59 6.01 4.56
C4 SKM E . -9.65 6.36 5.63
C1 SKM E . -8.50 5.44 5.86
O2 SKM E . -7.79 5.72 6.85
O3 SKM E . -8.34 4.49 5.08
C10 SKM E . -9.98 7.23 6.58
C9 SKM E . -11.05 8.25 6.44
O11 SKM E . -10.56 9.49 6.00
#